data_2NR4
#
_entry.id   2NR4
#
_cell.length_a   139.334
_cell.length_b   139.334
_cell.length_c   55.391
_cell.angle_alpha   90.00
_cell.angle_beta   90.00
_cell.angle_gamma   120.00
#
_symmetry.space_group_name_H-M   'P 63'
#
loop_
_entity.id
_entity.type
_entity.pdbx_description
1 polymer 'Conserved hypothetical protein'
2 non-polymer 'FLAVIN MONONUCLEOTIDE'
3 water water
#
_entity_poly.entity_id   1
_entity_poly.type   'polypeptide(L)'
_entity_poly.pdbx_seq_one_letter_code
;SLIGFLSDRQGFEKQYHDIDLSSFGIREGISEIIASTGFEHPNAAPIGIVMKGERPFVRLFKGSHTWENVLKEKCLASNV
VYDPILFVRSTFSDLVPSEFEYVDAGEFKFPVLKEAIAWVVFECINLRNTDQSLVADLVPLNAGFNERNIKELPVPNRGF
NAVLEATVHATRYQLTGEEKYLELIRHYESLASKCGGDAEKKAMKLIYEALGL
;
_entity_poly.pdbx_strand_id   A,B
#
# COMPACT_ATOMS: atom_id res chain seq x y z
N ASP A 20 10.30 -15.24 -11.48
CA ASP A 20 9.27 -15.24 -10.38
C ASP A 20 8.58 -13.89 -10.38
N LEU A 21 7.31 -13.83 -10.82
CA LEU A 21 6.64 -12.53 -11.00
C LEU A 21 6.40 -11.78 -9.71
N SER A 22 6.20 -12.53 -8.60
CA SER A 22 5.97 -11.89 -7.29
C SER A 22 7.16 -11.07 -6.83
N SER A 23 8.37 -11.48 -7.26
CA SER A 23 9.58 -10.71 -7.02
C SER A 23 9.60 -9.34 -7.70
N PHE A 24 8.75 -9.18 -8.73
CA PHE A 24 8.67 -7.91 -9.49
C PHE A 24 7.34 -7.21 -9.27
N GLY A 25 6.63 -7.62 -8.21
CA GLY A 25 5.44 -6.90 -7.78
C GLY A 25 4.16 -7.37 -8.43
N ILE A 26 4.19 -8.48 -9.18
CA ILE A 26 2.97 -9.05 -9.77
C ILE A 26 2.49 -10.18 -8.89
N ARG A 27 1.56 -9.85 -7.99
CA ARG A 27 1.14 -10.71 -6.88
C ARG A 27 -0.28 -11.16 -7.06
N GLU A 28 -0.71 -12.09 -6.19
CA GLU A 28 -2.07 -12.55 -6.23
C GLU A 28 -3.06 -11.38 -6.07
N GLY A 29 -4.19 -11.43 -6.78
CA GLY A 29 -5.21 -10.36 -6.72
C GLY A 29 -4.92 -9.34 -7.81
N ILE A 30 -5.26 -8.07 -7.59
CA ILE A 30 -5.09 -7.07 -8.67
C ILE A 30 -4.02 -6.14 -8.17
N SER A 31 -2.86 -6.16 -8.84
CA SER A 31 -1.69 -5.37 -8.46
C SER A 31 -1.80 -4.05 -9.23
N GLU A 32 -1.83 -2.93 -8.53
CA GLU A 32 -2.01 -1.62 -9.17
C GLU A 32 -0.64 -1.07 -9.53
N ILE A 33 -0.37 -1.08 -10.84
CA ILE A 33 0.94 -0.67 -11.34
C ILE A 33 0.76 0.45 -12.38
N ILE A 34 1.86 0.99 -12.87
CA ILE A 34 1.71 1.88 -14.03
C ILE A 34 2.20 1.10 -15.25
N ALA A 35 1.34 1.00 -16.25
CA ALA A 35 1.69 0.22 -17.43
C ALA A 35 2.36 1.13 -18.44
N SER A 36 3.52 0.73 -18.96
CA SER A 36 4.16 1.52 -20.07
C SER A 36 3.89 0.78 -21.39
N THR A 37 3.59 1.53 -22.45
CA THR A 37 3.31 0.90 -23.74
C THR A 37 3.87 1.87 -24.81
N GLY A 38 3.90 1.45 -26.06
CA GLY A 38 4.18 2.39 -27.15
C GLY A 38 5.62 2.37 -27.58
N PHE A 39 5.94 1.41 -28.44
CA PHE A 39 7.21 1.32 -29.14
C PHE A 39 7.62 2.68 -29.70
N GLU A 40 6.69 3.32 -30.42
CA GLU A 40 6.99 4.52 -31.22
C GLU A 40 6.75 5.86 -30.51
N HIS A 41 6.01 5.84 -29.40
CA HIS A 41 5.79 6.99 -28.57
C HIS A 41 5.39 6.44 -27.20
N PRO A 42 6.27 6.55 -26.21
CA PRO A 42 5.97 5.91 -24.92
C PRO A 42 4.83 6.59 -24.20
N ASN A 43 4.01 5.75 -23.56
CA ASN A 43 2.83 6.19 -22.84
C ASN A 43 2.82 5.43 -21.51
N ALA A 44 2.31 6.09 -20.49
CA ALA A 44 2.16 5.42 -19.19
C ALA A 44 0.73 5.62 -18.71
N ALA A 45 0.17 4.63 -18.01
CA ALA A 45 -1.18 4.80 -17.41
C ALA A 45 -1.36 3.77 -16.28
N PRO A 46 -2.01 4.15 -15.19
CA PRO A 46 -2.33 3.12 -14.16
C PRO A 46 -3.24 2.03 -14.69
N ILE A 47 -2.86 0.79 -14.37
CA ILE A 47 -3.59 -0.38 -14.83
C ILE A 47 -3.47 -1.42 -13.74
N GLY A 48 -4.52 -2.19 -13.52
CA GLY A 48 -4.43 -3.32 -12.54
C GLY A 48 -4.08 -4.59 -13.31
N ILE A 49 -3.00 -5.25 -12.96
CA ILE A 49 -2.72 -6.59 -13.52
C ILE A 49 -3.33 -7.62 -12.55
N VAL A 50 -4.13 -8.54 -13.13
CA VAL A 50 -4.92 -9.51 -12.36
C VAL A 50 -4.22 -10.86 -12.37
N MET A 51 -4.07 -11.45 -11.18
CA MET A 51 -3.50 -12.78 -11.09
C MET A 51 -4.44 -13.63 -10.23
N LYS A 52 -5.00 -14.68 -10.82
CA LYS A 52 -5.88 -15.57 -10.08
C LYS A 52 -5.63 -17.04 -10.38
N GLY A 53 -4.38 -17.48 -10.26
CA GLY A 53 -4.08 -18.90 -10.34
C GLY A 53 -3.40 -19.33 -11.61
N GLU A 54 -3.49 -18.51 -12.66
CA GLU A 54 -2.89 -18.88 -13.95
C GLU A 54 -1.99 -17.75 -14.48
N ARG A 55 -2.02 -17.48 -15.79
CA ARG A 55 -1.27 -16.36 -16.30
C ARG A 55 -1.94 -15.06 -15.83
N PRO A 56 -1.13 -14.02 -15.57
CA PRO A 56 -1.74 -12.73 -15.27
C PRO A 56 -2.46 -12.22 -16.49
N PHE A 57 -3.41 -11.31 -16.27
CA PHE A 57 -4.14 -10.68 -17.37
C PHE A 57 -4.55 -9.24 -17.06
N VAL A 58 -4.96 -8.52 -18.10
CA VAL A 58 -5.37 -7.12 -17.94
C VAL A 58 -6.72 -6.93 -18.57
N ARG A 59 -7.49 -5.98 -18.04
CA ARG A 59 -8.76 -5.63 -18.64
C ARG A 59 -8.56 -4.17 -18.93
N LEU A 60 -8.48 -3.83 -20.20
CA LEU A 60 -8.28 -2.44 -20.60
C LEU A 60 -9.58 -1.82 -21.15
N PHE A 61 -9.97 -0.67 -20.61
CA PHE A 61 -11.06 0.11 -21.13
C PHE A 61 -10.81 0.51 -22.58
N LYS A 62 -11.78 0.24 -23.46
CA LYS A 62 -11.57 0.51 -24.86
C LYS A 62 -11.47 2.02 -25.06
N GLY A 63 -10.59 2.44 -25.95
CA GLY A 63 -10.47 3.83 -26.37
C GLY A 63 -9.29 4.56 -25.77
N SER A 64 -8.60 3.91 -24.82
CA SER A 64 -7.48 4.56 -24.14
C SER A 64 -6.18 4.43 -24.95
N HIS A 65 -5.16 5.18 -24.59
CA HIS A 65 -3.92 5.04 -25.31
C HIS A 65 -3.27 3.66 -25.07
N THR A 66 -3.34 3.18 -23.83
CA THR A 66 -2.84 1.83 -23.51
C THR A 66 -3.53 0.77 -24.36
N TRP A 67 -4.85 0.88 -24.45
CA TRP A 67 -5.64 -0.02 -25.31
C TRP A 67 -5.17 0.01 -26.77
N GLU A 68 -5.01 1.20 -27.34
CA GLU A 68 -4.60 1.35 -28.72
C GLU A 68 -3.22 0.73 -28.95
N ASN A 69 -2.30 0.91 -28.01
CA ASN A 69 -0.96 0.38 -28.15
C ASN A 69 -0.91 -1.15 -28.03
N VAL A 70 -1.74 -1.70 -27.13
CA VAL A 70 -1.82 -3.15 -27.00
C VAL A 70 -2.40 -3.82 -28.25
N LEU A 71 -3.47 -3.25 -28.74
CA LEU A 71 -4.05 -3.67 -30.01
C LEU A 71 -3.03 -3.72 -31.15
N LYS A 72 -2.26 -2.65 -31.36
CA LYS A 72 -1.26 -2.61 -32.42
C LYS A 72 -0.01 -3.42 -32.16
N GLU A 73 0.55 -3.29 -30.95
CA GLU A 73 1.87 -3.80 -30.66
C GLU A 73 1.92 -5.08 -29.87
N LYS A 74 0.82 -5.38 -29.17
CA LYS A 74 0.70 -6.59 -28.29
C LYS A 74 1.84 -6.76 -27.28
N CYS A 75 2.20 -5.64 -26.68
CA CYS A 75 3.25 -5.62 -25.67
C CYS A 75 2.95 -4.50 -24.68
N LEU A 76 3.26 -4.78 -23.42
CA LEU A 76 2.98 -3.83 -22.30
C LEU A 76 3.92 -4.19 -21.17
N ALA A 77 4.42 -3.20 -20.43
CA ALA A 77 5.28 -3.50 -19.28
C ALA A 77 4.61 -3.00 -17.99
N SER A 78 4.65 -3.82 -16.94
CA SER A 78 4.32 -3.32 -15.63
C SER A 78 5.46 -2.49 -15.07
N ASN A 79 5.14 -1.45 -14.31
CA ASN A 79 6.09 -0.66 -13.53
C ASN A 79 5.55 -0.45 -12.11
N VAL A 80 6.28 -0.98 -11.14
CA VAL A 80 5.89 -0.80 -9.72
C VAL A 80 6.35 0.57 -9.27
N VAL A 81 5.41 1.36 -8.79
CA VAL A 81 5.65 2.74 -8.40
C VAL A 81 5.03 2.96 -7.00
N TYR A 82 5.80 3.50 -6.07
CA TYR A 82 5.29 3.85 -4.72
C TYR A 82 5.06 5.36 -4.60
N ASP A 83 5.40 6.11 -5.65
CA ASP A 83 5.26 7.55 -5.66
C ASP A 83 3.85 8.00 -6.12
N PRO A 84 3.08 8.64 -5.22
CA PRO A 84 1.69 8.97 -5.61
C PRO A 84 1.67 10.06 -6.69
N ILE A 85 2.68 10.92 -6.71
CA ILE A 85 2.81 11.94 -7.79
C ILE A 85 2.84 11.32 -9.19
N LEU A 86 3.67 10.31 -9.38
CA LEU A 86 3.74 9.60 -10.67
C LEU A 86 2.44 8.89 -11.04
N PHE A 87 1.77 8.28 -10.05
CA PHE A 87 0.44 7.79 -10.33
C PHE A 87 -0.55 8.79 -10.88
N VAL A 88 -0.58 9.97 -10.27
CA VAL A 88 -1.57 10.94 -10.65
C VAL A 88 -1.14 11.55 -11.98
N ARG A 89 0.14 11.83 -12.13
CA ARG A 89 0.63 12.38 -13.41
C ARG A 89 0.37 11.42 -14.56
N SER A 90 0.62 10.12 -14.35
CA SER A 90 0.36 9.18 -15.45
C SER A 90 -1.14 9.02 -15.73
N THR A 91 -1.98 9.32 -14.75
CA THR A 91 -3.42 9.21 -14.98
C THR A 91 -3.96 10.36 -15.79
N PHE A 92 -3.56 11.58 -15.45
CA PHE A 92 -4.19 12.77 -15.99
C PHE A 92 -3.34 13.54 -16.97
N SER A 93 -2.14 13.04 -17.22
CA SER A 93 -1.19 13.73 -18.10
C SER A 93 -0.44 12.75 -18.97
N ASP A 94 0.48 13.28 -19.76
CA ASP A 94 1.39 12.50 -20.55
C ASP A 94 2.76 12.61 -19.87
N LEU A 95 3.36 11.49 -19.52
CA LEU A 95 4.73 11.55 -19.03
C LEU A 95 5.59 11.85 -20.26
N VAL A 96 6.63 12.62 -20.07
CA VAL A 96 7.46 12.99 -21.21
C VAL A 96 8.41 11.82 -21.56
N PRO A 97 8.78 11.70 -22.86
CA PRO A 97 9.67 10.61 -23.24
C PRO A 97 10.95 10.48 -22.41
N SER A 98 11.43 11.57 -21.78
CA SER A 98 12.66 11.48 -20.92
C SER A 98 12.47 10.70 -19.61
N GLU A 99 11.22 10.37 -19.31
CA GLU A 99 10.91 9.65 -18.07
C GLU A 99 11.00 8.14 -18.27
N PHE A 100 11.25 7.72 -19.50
CA PHE A 100 11.31 6.33 -19.86
C PHE A 100 12.73 5.94 -20.23
N GLU A 101 12.99 4.63 -20.14
CA GLU A 101 14.22 4.06 -20.65
C GLU A 101 13.88 2.78 -21.40
N TYR A 102 14.80 2.34 -22.25
CA TYR A 102 14.55 1.16 -23.10
C TYR A 102 15.31 -0.07 -22.64
N VAL A 103 14.59 -1.18 -22.59
CA VAL A 103 15.14 -2.44 -22.19
C VAL A 103 14.75 -3.45 -23.26
N ASP A 104 15.37 -4.63 -23.27
CA ASP A 104 15.11 -5.65 -24.29
C ASP A 104 13.71 -6.27 -24.39
N GLY A 106 12.11 -9.20 -26.75
CA GLY A 106 12.86 -10.08 -27.65
C GLY A 106 13.84 -9.27 -28.47
N GLU A 107 13.58 -9.16 -29.77
CA GLU A 107 14.25 -8.15 -30.58
C GLU A 107 13.39 -6.88 -30.55
N PHE A 108 14.05 -5.73 -30.58
CA PHE A 108 13.42 -4.43 -30.32
C PHE A 108 13.51 -4.12 -28.83
N LYS A 109 13.56 -2.83 -28.55
CA LYS A 109 13.63 -2.34 -27.20
C LYS A 109 12.19 -2.07 -26.80
N PHE A 110 11.96 -1.80 -25.52
CA PHE A 110 10.60 -1.41 -25.07
C PHE A 110 10.69 -0.44 -23.87
N PRO A 111 9.84 0.59 -23.82
CA PRO A 111 9.93 1.61 -22.78
C PRO A 111 9.42 1.11 -21.41
N VAL A 112 10.21 1.37 -20.36
CA VAL A 112 9.76 1.21 -18.96
C VAL A 112 10.04 2.53 -18.26
N LEU A 113 9.44 2.77 -17.09
CA LEU A 113 9.72 3.99 -16.35
C LEU A 113 11.09 3.95 -15.69
N LYS A 114 11.82 5.06 -15.80
CA LYS A 114 13.13 5.17 -15.15
C LYS A 114 12.99 5.12 -13.63
N GLU A 115 11.85 5.61 -13.14
CA GLU A 115 11.56 5.64 -11.71
C GLU A 115 10.81 4.38 -11.23
N ALA A 116 10.65 3.38 -12.08
CA ALA A 116 10.09 2.10 -11.63
C ALA A 116 10.95 1.41 -10.57
N ILE A 117 10.29 0.85 -9.56
CA ILE A 117 10.97 0.01 -8.59
C ILE A 117 11.38 -1.30 -9.25
N ALA A 118 10.44 -1.93 -9.93
CA ALA A 118 10.62 -3.16 -10.67
C ALA A 118 9.74 -3.13 -11.92
N TRP A 119 10.23 -3.70 -13.03
CA TRP A 119 9.45 -3.72 -14.30
C TRP A 119 9.43 -5.13 -14.88
N VAL A 120 8.36 -5.44 -15.60
CA VAL A 120 8.27 -6.69 -16.36
C VAL A 120 7.72 -6.32 -17.72
N VAL A 121 8.44 -6.69 -18.79
CA VAL A 121 7.89 -6.55 -20.13
C VAL A 121 7.09 -7.81 -20.48
N PHE A 122 5.84 -7.62 -20.88
CA PHE A 122 4.98 -8.76 -21.27
C PHE A 122 4.55 -8.69 -22.73
N GLU A 123 4.50 -9.85 -23.38
CA GLU A 123 3.73 -10.04 -24.61
C GLU A 123 2.26 -10.24 -24.18
N CYS A 124 1.37 -9.48 -24.78
CA CYS A 124 -0.08 -9.61 -24.60
C CYS A 124 -0.62 -10.62 -25.59
N ILE A 125 -1.38 -11.58 -25.08
CA ILE A 125 -1.87 -12.68 -25.90
C ILE A 125 -3.35 -12.89 -25.68
N ASN A 126 -3.98 -13.68 -26.56
CA ASN A 126 -5.41 -13.99 -26.44
C ASN A 126 -6.30 -12.74 -26.25
N LEU A 127 -5.98 -11.68 -26.99
CA LEU A 127 -6.82 -10.48 -26.94
C LEU A 127 -8.25 -10.85 -27.25
N ARG A 128 -9.19 -10.43 -26.39
CA ARG A 128 -10.61 -10.76 -26.59
C ARG A 128 -11.43 -9.64 -26.00
N ASN A 129 -12.47 -9.23 -26.72
CA ASN A 129 -13.39 -8.25 -26.18
C ASN A 129 -14.36 -8.90 -25.23
N THR A 130 -14.52 -8.30 -24.07
CA THR A 130 -15.66 -8.57 -23.21
C THR A 130 -16.20 -7.28 -22.64
N ASP A 131 -17.49 -7.07 -22.87
CA ASP A 131 -18.24 -5.92 -22.37
C ASP A 131 -17.76 -4.71 -23.13
N GLN A 132 -17.22 -3.75 -22.40
CA GLN A 132 -16.64 -2.58 -23.04
C GLN A 132 -15.12 -2.54 -22.76
N SER A 133 -14.54 -3.74 -22.74
CA SER A 133 -13.15 -3.94 -22.37
C SER A 133 -12.43 -4.87 -23.33
N LEU A 134 -11.12 -4.69 -23.40
CA LEU A 134 -10.28 -5.64 -24.09
C LEU A 134 -9.51 -6.39 -23.02
N VAL A 135 -9.64 -7.71 -23.03
CA VAL A 135 -8.90 -8.55 -22.09
C VAL A 135 -7.75 -9.19 -22.86
N ALA A 136 -6.60 -9.25 -22.22
CA ALA A 136 -5.40 -9.93 -22.72
C ALA A 136 -4.68 -10.67 -21.60
N ASP A 137 -4.22 -11.89 -21.87
CA ASP A 137 -3.31 -12.55 -20.94
C ASP A 137 -1.90 -12.06 -21.20
N LEU A 138 -1.00 -12.25 -20.23
CA LEU A 138 0.34 -11.72 -20.25
C LEU A 138 1.42 -12.76 -20.10
N VAL A 139 2.35 -12.76 -21.04
CA VAL A 139 3.47 -13.71 -21.02
C VAL A 139 4.79 -12.90 -20.83
N PRO A 140 5.53 -13.09 -19.71
CA PRO A 140 6.69 -12.24 -19.43
C PRO A 140 7.83 -12.51 -20.40
N LEU A 141 8.51 -11.46 -20.82
CA LEU A 141 9.60 -11.53 -21.80
C LEU A 141 10.93 -11.17 -21.16
N ASN A 142 10.87 -10.24 -20.21
CA ASN A 142 12.07 -9.72 -19.57
C ASN A 142 11.59 -9.03 -18.29
N ALA A 143 12.49 -8.83 -17.35
CA ALA A 143 12.13 -8.22 -16.06
C ALA A 143 13.34 -7.60 -15.43
N GLY A 144 13.16 -6.53 -14.65
CA GLY A 144 14.27 -5.90 -14.02
C GLY A 144 13.90 -5.27 -12.72
N PHE A 145 14.92 -4.94 -11.94
CA PHE A 145 14.80 -4.36 -10.63
C PHE A 145 15.65 -3.10 -10.60
N ASN A 146 15.17 -2.07 -9.91
CA ASN A 146 15.96 -0.85 -9.78
C ASN A 146 16.25 -0.59 -8.32
N GLU A 147 17.25 -1.30 -7.81
CA GLU A 147 17.79 -1.10 -6.47
C GLU A 147 17.91 0.37 -6.08
N ARG A 148 18.41 1.19 -7.01
CA ARG A 148 18.60 2.62 -6.79
C ARG A 148 17.30 3.37 -6.43
N ASN A 149 16.15 2.80 -6.76
CA ASN A 149 14.84 3.45 -6.55
C ASN A 149 14.12 3.05 -5.25
N ILE A 150 14.67 2.08 -4.55
CA ILE A 150 14.20 1.72 -3.21
C ILE A 150 15.11 2.44 -2.25
N LYS A 151 14.63 3.47 -1.59
CA LYS A 151 15.48 4.18 -0.63
C LYS A 151 14.94 4.10 0.81
N GLU A 152 13.64 3.82 0.94
CA GLU A 152 12.97 3.66 2.24
C GLU A 152 12.20 2.32 2.24
N LEU A 153 11.83 1.82 3.42
CA LEU A 153 11.01 0.60 3.50
C LEU A 153 9.56 0.96 3.20
N PRO A 154 8.88 0.27 2.26
CA PRO A 154 7.46 0.51 2.06
C PRO A 154 6.67 0.19 3.32
N VAL A 155 5.65 0.98 3.62
CA VAL A 155 4.80 0.72 4.80
C VAL A 155 3.39 1.15 4.44
N PRO A 156 2.35 0.42 4.95
CA PRO A 156 0.98 0.89 4.67
C PRO A 156 0.76 2.36 5.13
N ASN A 157 0.17 3.13 4.23
CA ASN A 157 -0.11 4.53 4.51
C ASN A 157 -1.48 4.85 3.90
N ARG A 158 -2.42 5.22 4.77
CA ARG A 158 -3.79 5.47 4.34
C ARG A 158 -3.89 6.72 3.45
N GLY A 159 -2.92 7.62 3.56
CA GLY A 159 -2.83 8.83 2.71
C GLY A 159 -2.50 8.46 1.28
N PHE A 160 -1.49 7.60 1.11
CA PHE A 160 -1.17 7.07 -0.21
C PHE A 160 -2.37 6.31 -0.78
N ASN A 161 -2.98 5.46 0.06
CA ASN A 161 -4.14 4.70 -0.37
C ASN A 161 -5.29 5.61 -0.79
N ALA A 162 -5.44 6.74 -0.09
CA ALA A 162 -6.50 7.71 -0.40
C ALA A 162 -6.28 8.39 -1.74
N VAL A 163 -5.02 8.62 -2.06
CA VAL A 163 -4.65 9.18 -3.38
C VAL A 163 -5.06 8.22 -4.49
N LEU A 164 -4.79 6.92 -4.31
CA LEU A 164 -5.16 5.89 -5.27
C LEU A 164 -6.69 5.90 -5.50
N GLU A 165 -7.45 5.89 -4.41
CA GLU A 165 -8.90 5.91 -4.50
C GLU A 165 -9.37 7.18 -5.17
N ALA A 166 -8.82 8.32 -4.77
CA ALA A 166 -9.23 9.62 -5.33
C ALA A 166 -9.01 9.67 -6.84
N THR A 167 -7.93 9.06 -7.33
CA THR A 167 -7.65 9.01 -8.77
C THR A 167 -8.74 8.17 -9.47
N VAL A 168 -9.17 7.06 -8.87
CA VAL A 168 -10.25 6.26 -9.45
C VAL A 168 -11.52 7.11 -9.54
N HIS A 169 -11.92 7.70 -8.43
CA HIS A 169 -13.14 8.52 -8.42
C HIS A 169 -13.08 9.76 -9.32
N ALA A 170 -11.92 10.41 -9.39
CA ALA A 170 -11.74 11.49 -10.32
C ALA A 170 -11.96 11.08 -11.78
N THR A 171 -11.50 9.90 -12.18
CA THR A 171 -11.76 9.43 -13.55
C THR A 171 -13.24 9.15 -13.78
N ARG A 172 -13.90 8.68 -12.73
CA ARG A 172 -15.34 8.44 -12.78
C ARG A 172 -16.14 9.72 -12.82
N TYR A 173 -15.67 10.75 -12.13
CA TYR A 173 -16.28 12.07 -12.22
C TYR A 173 -16.19 12.65 -13.62
N GLN A 174 -15.08 12.37 -14.31
CA GLN A 174 -14.93 12.74 -15.70
C GLN A 174 -15.87 11.92 -16.59
N LEU A 175 -16.14 10.67 -16.19
CA LEU A 175 -17.03 9.77 -16.95
C LEU A 175 -18.40 10.46 -17.09
N THR A 176 -19.04 10.96 -16.04
CA THR A 176 -20.33 10.46 -15.50
C THR A 176 -20.87 11.80 -15.00
N GLY A 177 -19.94 12.67 -14.61
CA GLY A 177 -20.27 14.01 -14.12
C GLY A 177 -20.89 14.08 -12.73
N GLU A 178 -21.13 12.93 -12.10
CA GLU A 178 -21.88 12.88 -10.83
C GLU A 178 -21.16 13.52 -9.63
N GLU A 179 -21.91 14.27 -8.83
CA GLU A 179 -21.35 14.99 -7.67
C GLU A 179 -20.98 14.06 -6.52
N LYS A 180 -21.60 12.89 -6.51
CA LYS A 180 -21.25 11.77 -5.63
C LYS A 180 -19.73 11.58 -5.55
N TYR A 181 -19.06 11.80 -6.67
CA TYR A 181 -17.63 11.54 -6.81
C TYR A 181 -16.76 12.68 -6.23
N LEU A 182 -17.19 13.94 -6.38
CA LEU A 182 -16.46 15.08 -5.83
C LEU A 182 -16.47 15.04 -4.32
N GLU A 183 -17.58 14.54 -3.77
CA GLU A 183 -17.76 14.35 -2.34
C GLU A 183 -16.82 13.25 -1.81
N LEU A 184 -16.68 12.17 -2.57
CA LEU A 184 -15.70 11.14 -2.25
C LEU A 184 -14.27 11.65 -2.36
N ILE A 185 -13.98 12.46 -3.36
CA ILE A 185 -12.62 13.01 -3.53
C ILE A 185 -12.27 13.91 -2.35
N ARG A 186 -13.26 14.66 -1.85
CA ARG A 186 -13.00 15.53 -0.68
C ARG A 186 -12.67 14.73 0.57
N HIS A 187 -13.37 13.62 0.78
CA HIS A 187 -13.09 12.71 1.89
C HIS A 187 -11.70 12.12 1.74
N TYR A 188 -11.33 11.70 0.53
CA TYR A 188 -9.97 11.20 0.38
C TYR A 188 -8.88 12.28 0.53
N GLU A 189 -9.18 13.49 0.08
CA GLU A 189 -8.28 14.61 0.30
C GLU A 189 -8.02 14.77 1.80
N SER A 190 -9.07 14.62 2.60
CA SER A 190 -8.94 14.71 4.06
C SER A 190 -7.98 13.68 4.64
N LEU A 191 -8.04 12.45 4.16
CA LEU A 191 -7.10 11.41 4.63
C LEU A 191 -5.69 11.62 4.13
N ALA A 192 -5.56 12.14 2.92
CA ALA A 192 -4.26 12.39 2.38
C ALA A 192 -3.55 13.47 3.21
N SER A 193 -4.33 14.47 3.61
CA SER A 193 -3.82 15.54 4.44
C SER A 193 -3.42 15.08 5.84
N LYS A 194 -4.23 14.19 6.43
CA LYS A 194 -3.97 13.68 7.79
C LYS A 194 -2.87 12.67 7.79
N CYS A 195 -2.93 11.72 6.85
CA CYS A 195 -2.04 10.54 6.87
C CYS A 195 -0.87 10.59 5.91
N GLY A 196 -0.99 11.38 4.83
CA GLY A 196 0.08 11.38 3.84
C GLY A 196 1.24 12.26 4.26
N GLY A 197 2.33 12.14 3.55
CA GLY A 197 3.43 13.10 3.57
C GLY A 197 3.25 14.16 2.51
N ASP A 198 4.33 14.92 2.29
CA ASP A 198 4.38 15.94 1.22
C ASP A 198 4.00 15.41 -0.17
N ALA A 199 4.48 14.22 -0.54
CA ALA A 199 4.20 13.67 -1.87
C ALA A 199 2.70 13.44 -2.09
N GLU A 200 2.03 12.84 -1.09
CA GLU A 200 0.57 12.69 -1.17
C GLU A 200 -0.19 14.00 -1.26
N LYS A 201 0.25 14.99 -0.49
CA LYS A 201 -0.44 16.26 -0.48
C LYS A 201 -0.28 16.96 -1.84
N LYS A 202 0.90 16.83 -2.43
CA LYS A 202 1.16 17.31 -3.81
C LYS A 202 0.32 16.55 -4.86
N ALA A 203 0.20 15.23 -4.68
CA ALA A 203 -0.62 14.39 -5.57
C ALA A 203 -2.08 14.81 -5.58
N MET A 204 -2.64 15.05 -4.41
CA MET A 204 -4.02 15.52 -4.32
C MET A 204 -4.22 16.84 -5.03
N LYS A 205 -3.27 17.76 -4.87
CA LYS A 205 -3.33 19.05 -5.58
C LYS A 205 -3.38 18.83 -7.09
N LEU A 206 -2.60 17.87 -7.59
CA LEU A 206 -2.64 17.55 -9.01
C LEU A 206 -3.98 17.01 -9.48
N ILE A 207 -4.66 16.23 -8.64
CA ILE A 207 -6.01 15.73 -8.96
C ILE A 207 -7.02 16.88 -9.14
N TYR A 208 -6.97 17.81 -8.19
CA TYR A 208 -7.79 19.01 -8.18
C TYR A 208 -7.57 19.87 -9.43
N GLU A 209 -6.30 20.23 -9.69
CA GLU A 209 -5.90 20.92 -10.93
C GLU A 209 -6.40 20.19 -12.19
N ALA A 210 -6.30 18.87 -12.24
CA ALA A 210 -6.77 18.09 -13.38
C ALA A 210 -8.27 18.21 -13.57
N LEU A 211 -9.01 18.39 -12.46
CA LEU A 211 -10.47 18.49 -12.56
C LEU A 211 -10.96 19.94 -12.69
N ASP B 20 18.26 5.21 11.39
CA ASP B 20 17.51 5.86 10.27
C ASP B 20 16.14 5.21 10.14
N LEU B 21 15.13 5.87 10.69
CA LEU B 21 13.82 5.26 10.88
C LEU B 21 13.18 4.86 9.55
N SER B 22 13.41 5.67 8.50
CA SER B 22 12.92 5.34 7.14
C SER B 22 13.21 3.92 6.69
N SER B 23 14.36 3.39 7.06
CA SER B 23 14.73 2.01 6.68
C SER B 23 13.94 0.94 7.40
N PHE B 24 13.24 1.34 8.47
CA PHE B 24 12.47 0.40 9.29
C PHE B 24 10.98 0.69 9.13
N GLY B 25 10.62 1.48 8.11
CA GLY B 25 9.21 1.70 7.79
C GLY B 25 8.54 2.84 8.55
N ILE B 26 9.33 3.62 9.29
CA ILE B 26 8.77 4.75 10.04
C ILE B 26 9.01 6.01 9.23
N ARG B 27 7.99 6.42 8.51
CA ARG B 27 8.18 7.36 7.42
C ARG B 27 7.30 8.57 7.57
N GLU B 28 7.59 9.60 6.77
CA GLU B 28 6.79 10.79 6.78
C GLU B 28 5.31 10.45 6.72
N GLY B 29 4.50 11.12 7.53
CA GLY B 29 3.05 10.97 7.56
C GLY B 29 2.70 9.96 8.63
N ILE B 30 1.60 9.23 8.43
CA ILE B 30 1.19 8.20 9.42
C ILE B 30 1.47 6.80 8.86
N SER B 31 2.42 6.07 9.48
CA SER B 31 2.82 4.75 9.01
C SER B 31 1.97 3.73 9.78
N GLU B 32 1.21 2.90 9.07
CA GLU B 32 0.27 1.98 9.73
C GLU B 32 1.03 0.67 10.02
N ILE B 33 1.33 0.49 11.30
CA ILE B 33 2.13 -0.65 11.78
C ILE B 33 1.40 -1.42 12.86
N ILE B 34 2.00 -2.49 13.32
CA ILE B 34 1.39 -3.24 14.41
C ILE B 34 2.30 -2.94 15.61
N ALA B 35 1.73 -2.36 16.64
CA ALA B 35 2.51 -1.95 17.80
C ALA B 35 2.56 -3.11 18.78
N SER B 36 3.76 -3.51 19.20
CA SER B 36 3.83 -4.52 20.26
C SER B 36 4.16 -3.80 21.60
N THR B 37 3.58 -4.29 22.70
CA THR B 37 3.76 -3.70 24.02
C THR B 37 3.62 -4.84 25.05
N GLY B 38 4.02 -4.61 26.29
CA GLY B 38 3.70 -5.60 27.35
C GLY B 38 4.92 -6.41 27.73
N PHE B 39 5.77 -5.88 28.60
CA PHE B 39 6.90 -6.71 29.04
C PHE B 39 6.39 -7.94 29.82
N GLU B 40 5.32 -7.77 30.60
CA GLU B 40 4.75 -8.83 31.42
C GLU B 40 3.76 -9.75 30.70
N HIS B 41 3.20 -9.30 29.57
CA HIS B 41 2.30 -10.11 28.79
C HIS B 41 2.21 -9.41 27.44
N PRO B 42 2.80 -10.00 26.40
CA PRO B 42 2.83 -9.29 25.10
C PRO B 42 1.49 -9.11 24.45
N ASN B 43 1.36 -7.97 23.79
CA ASN B 43 0.11 -7.60 23.18
C ASN B 43 0.44 -6.96 21.84
N ALA B 44 -0.44 -7.10 20.85
CA ALA B 44 -0.21 -6.43 19.58
C ALA B 44 -1.49 -5.77 19.13
N ALA B 45 -1.36 -4.63 18.44
CA ALA B 45 -2.52 -3.92 17.96
C ALA B 45 -2.07 -2.93 16.88
N PRO B 46 -2.89 -2.72 15.85
CA PRO B 46 -2.49 -1.75 14.84
C PRO B 46 -2.55 -0.36 15.40
N ILE B 47 -1.54 0.41 15.04
CA ILE B 47 -1.36 1.76 15.54
C ILE B 47 -0.70 2.57 14.42
N GLY B 48 -1.13 3.80 14.24
CA GLY B 48 -0.40 4.69 13.32
C GLY B 48 0.70 5.45 14.06
N ILE B 49 1.92 5.36 13.59
CA ILE B 49 3.00 6.20 14.12
C ILE B 49 3.10 7.45 13.22
N VAL B 50 3.07 8.62 13.84
CA VAL B 50 3.00 9.88 13.09
C VAL B 50 4.36 10.54 13.01
N MET B 51 4.75 10.94 11.80
CA MET B 51 6.02 11.65 11.67
C MET B 51 5.73 12.93 10.89
N LYS B 52 5.86 14.08 11.56
CA LYS B 52 5.57 15.36 10.93
C LYS B 52 6.74 16.32 11.10
N GLY B 53 7.96 15.87 10.85
CA GLY B 53 9.12 16.76 10.89
C GLY B 53 9.99 16.67 12.14
N GLU B 54 9.38 16.38 13.29
CA GLU B 54 10.13 16.23 14.54
C GLU B 54 10.24 14.76 14.95
N ARG B 55 10.21 14.46 16.25
CA ARG B 55 10.21 13.07 16.71
C ARG B 55 8.92 12.37 16.27
N PRO B 56 9.02 11.07 15.98
CA PRO B 56 7.75 10.38 15.72
C PRO B 56 6.88 10.42 16.98
N PHE B 57 5.58 10.33 16.81
CA PHE B 57 4.67 10.26 17.96
C PHE B 57 3.45 9.34 17.75
N VAL B 58 2.77 8.96 18.84
CA VAL B 58 1.56 8.15 18.75
C VAL B 58 0.39 8.82 19.45
N ARG B 59 -0.81 8.60 18.91
CA ARG B 59 -2.01 9.05 19.56
C ARG B 59 -2.83 7.83 19.86
N LEU B 60 -2.92 7.50 21.14
CA LEU B 60 -3.53 6.26 21.58
C LEU B 60 -4.90 6.56 22.13
N PHE B 61 -5.92 5.86 21.64
CA PHE B 61 -7.26 5.92 22.22
C PHE B 61 -7.17 5.36 23.62
N LYS B 62 -7.78 6.06 24.58
CA LYS B 62 -7.76 5.61 25.97
C LYS B 62 -8.49 4.30 26.13
N GLY B 63 -8.04 3.44 27.03
CA GLY B 63 -8.73 2.18 27.35
C GLY B 63 -8.20 0.89 26.75
N SER B 64 -7.44 1.01 25.65
CA SER B 64 -6.85 -0.13 24.95
C SER B 64 -5.73 -0.74 25.80
N HIS B 65 -5.36 -1.97 25.48
CA HIS B 65 -4.21 -2.56 26.19
C HIS B 65 -2.91 -1.86 25.84
N THR B 66 -2.79 -1.39 24.60
CA THR B 66 -1.62 -0.58 24.19
C THR B 66 -1.47 0.66 25.08
N TRP B 67 -2.57 1.37 25.24
CA TRP B 67 -2.62 2.53 26.12
C TRP B 67 -2.19 2.18 27.57
N GLU B 68 -2.73 1.10 28.11
CA GLU B 68 -2.42 0.64 29.46
C GLU B 68 -0.95 0.32 29.59
N ASN B 69 -0.42 -0.39 28.58
CA ASN B 69 1.00 -0.77 28.58
C ASN B 69 1.95 0.41 28.49
N VAL B 70 1.63 1.37 27.61
CA VAL B 70 2.46 2.56 27.49
C VAL B 70 2.46 3.41 28.79
N LEU B 71 1.28 3.56 29.40
CA LEU B 71 1.20 4.27 30.69
C LEU B 71 2.07 3.63 31.76
N LYS B 72 1.99 2.32 31.88
CA LYS B 72 2.73 1.53 32.86
C LYS B 72 4.24 1.45 32.56
N GLU B 73 4.58 1.19 31.29
CA GLU B 73 5.93 0.81 30.93
C GLU B 73 6.69 1.82 30.03
N LYS B 74 5.98 2.71 29.35
CA LYS B 74 6.68 3.77 28.57
C LYS B 74 7.56 3.11 27.53
N CYS B 75 7.10 1.99 26.97
CA CYS B 75 7.81 1.39 25.85
C CYS B 75 6.80 0.81 24.87
N LEU B 76 7.15 0.91 23.59
CA LEU B 76 6.31 0.37 22.52
C LEU B 76 7.23 0.07 21.37
N ALA B 77 6.96 -1.02 20.64
CA ALA B 77 7.74 -1.30 19.43
C ALA B 77 6.85 -1.26 18.18
N SER B 78 7.36 -0.68 17.10
CA SER B 78 6.67 -0.81 15.82
C SER B 78 7.05 -2.12 15.10
N ASN B 79 6.07 -2.73 14.42
CA ASN B 79 6.31 -3.92 13.62
C ASN B 79 5.69 -3.69 12.25
N VAL B 80 6.54 -3.63 11.23
CA VAL B 80 6.02 -3.47 9.86
C VAL B 80 5.51 -4.80 9.40
N VAL B 81 4.24 -4.84 8.99
CA VAL B 81 3.58 -6.08 8.56
C VAL B 81 2.86 -5.83 7.21
N TYR B 82 3.05 -6.71 6.23
CA TYR B 82 2.31 -6.57 4.98
C TYR B 82 1.18 -7.60 4.87
N ASP B 83 1.06 -8.45 5.87
CA ASP B 83 0.10 -9.55 5.88
C ASP B 83 -1.24 -9.08 6.46
N PRO B 84 -2.32 -9.11 5.66
CA PRO B 84 -3.59 -8.53 6.14
C PRO B 84 -4.19 -9.41 7.25
N ILE B 85 -3.89 -10.71 7.21
CA ILE B 85 -4.39 -11.66 8.25
C ILE B 85 -3.88 -11.23 9.64
N LEU B 86 -2.56 -11.11 9.77
CA LEU B 86 -1.96 -10.50 11.00
C LEU B 86 -2.54 -9.15 11.43
N PHE B 87 -2.79 -8.22 10.50
CA PHE B 87 -3.44 -6.97 10.91
C PHE B 87 -4.79 -7.15 11.57
N VAL B 88 -5.60 -8.01 10.96
CA VAL B 88 -6.92 -8.29 11.47
C VAL B 88 -6.85 -9.07 12.79
N ARG B 89 -5.97 -10.07 12.87
CA ARG B 89 -5.87 -10.89 14.11
C ARG B 89 -5.44 -10.00 15.26
N SER B 90 -4.52 -9.06 14.99
CA SER B 90 -4.09 -8.14 16.03
C SER B 90 -5.14 -7.07 16.37
N THR B 91 -6.05 -6.77 15.46
CA THR B 91 -7.16 -5.87 15.79
C THR B 91 -8.13 -6.50 16.79
N PHE B 92 -8.21 -7.83 16.76
CA PHE B 92 -9.00 -8.60 17.75
C PHE B 92 -8.09 -9.40 18.66
N LEU B 95 -3.14 -12.07 19.37
CA LEU B 95 -1.89 -12.80 19.08
C LEU B 95 -1.44 -13.49 20.36
N VAL B 96 -0.88 -14.67 20.24
CA VAL B 96 -0.49 -15.38 21.46
C VAL B 96 1.01 -15.23 21.68
N PRO B 97 1.48 -15.41 22.94
CA PRO B 97 2.90 -15.18 23.26
C PRO B 97 3.92 -15.86 22.36
N SER B 98 3.62 -17.03 21.78
CA SER B 98 4.60 -17.68 20.90
C SER B 98 4.84 -16.95 19.56
N GLU B 99 3.97 -15.99 19.28
CA GLU B 99 4.08 -15.18 18.06
C GLU B 99 5.09 -14.03 18.22
N PHE B 100 5.60 -13.84 19.43
CA PHE B 100 6.54 -12.75 19.77
C PHE B 100 7.96 -13.26 20.07
N GLU B 101 8.97 -12.44 19.78
CA GLU B 101 10.34 -12.69 20.19
C GLU B 101 10.83 -11.49 20.96
N TYR B 102 11.84 -11.72 21.81
CA TYR B 102 12.33 -10.68 22.71
C TYR B 102 13.65 -10.16 22.24
N VAL B 103 13.73 -8.85 22.17
CA VAL B 103 14.91 -8.17 21.66
C VAL B 103 15.34 -7.13 22.69
N ASP B 104 16.56 -6.62 22.55
CA ASP B 104 17.16 -5.73 23.54
C ASP B 104 16.51 -4.35 23.57
N ALA B 105 16.10 -3.91 24.76
CA ALA B 105 15.59 -2.56 24.99
C ALA B 105 16.24 -2.05 26.28
N GLY B 106 17.43 -1.48 26.13
CA GLY B 106 18.24 -1.08 27.28
C GLY B 106 18.83 -2.32 27.92
N GLU B 107 18.37 -2.63 29.13
CA GLU B 107 18.84 -3.78 29.90
C GLU B 107 17.69 -4.72 30.11
N PHE B 108 16.52 -4.32 29.59
CA PHE B 108 15.38 -5.21 29.53
C PHE B 108 15.22 -5.75 28.11
N LYS B 109 14.51 -6.85 27.98
CA LYS B 109 14.18 -7.35 26.67
C LYS B 109 12.72 -7.06 26.41
N PHE B 110 12.37 -6.84 25.15
CA PHE B 110 11.02 -6.35 24.82
C PHE B 110 10.43 -7.12 23.64
N PRO B 111 9.11 -7.43 23.67
CA PRO B 111 8.52 -8.28 22.66
C PRO B 111 8.34 -7.54 21.31
N VAL B 112 8.76 -8.20 20.23
CA VAL B 112 8.40 -7.78 18.85
C VAL B 112 7.80 -9.00 18.13
N LEU B 113 7.15 -8.79 16.99
CA LEU B 113 6.51 -9.88 16.31
C LEU B 113 7.56 -10.71 15.54
N LYS B 114 7.49 -12.03 15.66
CA LYS B 114 8.37 -12.91 14.88
C LYS B 114 8.19 -12.66 13.39
N GLU B 115 6.95 -12.34 12.99
CA GLU B 115 6.65 -12.11 11.56
C GLU B 115 6.82 -10.64 11.08
N ALA B 116 7.36 -9.75 11.92
CA ALA B 116 7.69 -8.40 11.50
C ALA B 116 8.68 -8.39 10.33
N ILE B 117 8.45 -7.49 9.38
CA ILE B 117 9.46 -7.28 8.36
C ILE B 117 10.60 -6.50 8.96
N ALA B 118 10.26 -5.53 9.80
CA ALA B 118 11.21 -4.67 10.50
C ALA B 118 10.55 -4.17 11.76
N TRP B 119 11.35 -3.97 12.80
CA TRP B 119 10.84 -3.46 14.07
C TRP B 119 11.75 -2.38 14.62
N VAL B 120 11.17 -1.47 15.41
CA VAL B 120 11.94 -0.48 16.17
C VAL B 120 11.36 -0.49 17.56
N VAL B 121 12.22 -0.62 18.57
CA VAL B 121 11.76 -0.43 19.94
C VAL B 121 11.96 1.01 20.35
N PHE B 122 10.91 1.59 20.89
CA PHE B 122 10.84 3.00 21.29
C PHE B 122 10.56 3.16 22.79
N GLU B 123 11.26 4.10 23.40
CA GLU B 123 10.82 4.63 24.69
C GLU B 123 9.77 5.69 24.40
N CYS B 124 8.67 5.64 25.14
CA CYS B 124 7.62 6.64 25.04
C CYS B 124 7.91 7.78 26.01
N ILE B 125 7.93 9.00 25.48
CA ILE B 125 8.23 10.19 26.30
C ILE B 125 7.14 11.27 26.18
N ASN B 126 7.16 12.22 27.11
CA ASN B 126 6.27 13.37 27.09
C ASN B 126 4.80 13.00 27.01
N LEU B 127 4.39 12.03 27.85
CA LEU B 127 3.03 11.52 27.90
C LEU B 127 2.08 12.64 28.29
N ARG B 128 1.00 12.81 27.52
CA ARG B 128 0.07 13.89 27.78
C ARG B 128 -1.30 13.48 27.31
N ASN B 129 -2.32 13.75 28.11
CA ASN B 129 -3.69 13.49 27.70
C ASN B 129 -4.24 14.62 26.83
N THR B 130 -4.85 14.26 25.69
CA THR B 130 -5.44 15.24 24.79
C THR B 130 -6.82 14.77 24.31
N SER B 133 -7.68 10.83 24.23
CA SER B 133 -6.49 10.10 23.80
C SER B 133 -5.27 10.40 24.67
N LEU B 134 -4.24 9.55 24.56
CA LEU B 134 -2.94 9.79 25.17
C LEU B 134 -1.92 9.96 24.05
N VAL B 135 -1.19 11.06 24.09
CA VAL B 135 -0.13 11.32 23.13
C VAL B 135 1.24 11.10 23.75
N ALA B 136 2.14 10.48 22.99
CA ALA B 136 3.52 10.31 23.44
C ALA B 136 4.44 10.42 22.24
N ASP B 137 5.53 11.15 22.43
CA ASP B 137 6.64 11.14 21.48
C ASP B 137 7.46 9.87 21.65
N LEU B 138 8.22 9.52 20.62
CA LEU B 138 8.95 8.26 20.56
C LEU B 138 10.45 8.46 20.35
N VAL B 139 11.25 7.82 21.21
CA VAL B 139 12.71 7.79 21.08
C VAL B 139 13.21 6.37 20.81
N PRO B 140 13.80 6.14 19.62
CA PRO B 140 14.24 4.80 19.24
C PRO B 140 15.39 4.25 20.09
N LEU B 141 15.24 3.01 20.53
CA LEU B 141 16.22 2.34 21.41
C LEU B 141 17.05 1.31 20.67
N ASN B 142 16.44 0.67 19.68
CA ASN B 142 17.01 -0.48 19.00
C ASN B 142 16.08 -0.77 17.82
N ALA B 143 16.62 -1.39 16.77
CA ALA B 143 15.87 -1.67 15.55
C ALA B 143 16.46 -2.86 14.85
N GLY B 144 15.61 -3.61 14.15
CA GLY B 144 16.07 -4.77 13.44
C GLY B 144 15.28 -4.98 12.17
N PHE B 145 15.85 -5.80 11.29
CA PHE B 145 15.25 -6.13 9.99
C PHE B 145 15.22 -7.66 9.85
N ASN B 146 14.12 -8.20 9.37
CA ASN B 146 13.99 -9.65 9.18
C ASN B 146 13.90 -10.03 7.71
N GLU B 147 15.08 -10.04 7.07
CA GLU B 147 15.31 -10.62 5.73
C GLU B 147 14.48 -11.87 5.44
N ARG B 148 14.47 -12.82 6.37
CA ARG B 148 13.61 -14.01 6.28
C ARG B 148 12.15 -13.72 5.92
N ASN B 149 11.66 -12.51 6.22
CA ASN B 149 10.22 -12.23 6.10
C ASN B 149 9.77 -11.51 4.83
N ILE B 150 10.71 -11.05 4.02
CA ILE B 150 10.31 -10.50 2.71
C ILE B 150 10.56 -11.51 1.61
N LYS B 151 9.47 -12.05 1.11
CA LYS B 151 9.52 -13.05 0.06
C LYS B 151 9.04 -12.49 -1.30
N GLU B 152 8.09 -11.55 -1.28
CA GLU B 152 7.54 -10.94 -2.50
C GLU B 152 7.69 -9.42 -2.43
N LEU B 153 7.69 -8.73 -3.58
CA LEU B 153 7.84 -7.28 -3.58
C LEU B 153 6.47 -6.65 -3.27
N PRO B 154 6.39 -5.73 -2.29
CA PRO B 154 5.11 -5.08 -1.97
C PRO B 154 4.59 -4.30 -3.18
N VAL B 155 3.28 -4.29 -3.39
CA VAL B 155 2.73 -3.56 -4.54
C VAL B 155 1.41 -3.04 -4.06
N PRO B 156 1.01 -1.84 -4.51
CA PRO B 156 -0.32 -1.36 -4.12
C PRO B 156 -1.42 -2.33 -4.51
N ASN B 157 -2.33 -2.59 -3.57
CA ASN B 157 -3.44 -3.53 -3.79
C ASN B 157 -4.61 -2.92 -3.08
N ARG B 158 -5.67 -2.61 -3.81
CA ARG B 158 -6.81 -1.91 -3.24
C ARG B 158 -7.61 -2.82 -2.28
N GLY B 159 -7.52 -4.12 -2.50
CA GLY B 159 -8.13 -5.11 -1.60
C GLY B 159 -7.45 -5.13 -0.23
N PHE B 160 -6.11 -5.13 -0.20
CA PHE B 160 -5.38 -4.96 1.08
C PHE B 160 -5.74 -3.59 1.70
N ASN B 161 -5.78 -2.54 0.87
CA ASN B 161 -6.15 -1.23 1.41
C ASN B 161 -7.53 -1.23 2.04
N ALA B 162 -8.45 -1.98 1.41
CA ALA B 162 -9.82 -2.13 1.91
C ALA B 162 -9.89 -2.87 3.28
N VAL B 163 -9.10 -3.93 3.42
CA VAL B 163 -8.98 -4.63 4.72
C VAL B 163 -8.46 -3.62 5.75
N LEU B 164 -7.48 -2.81 5.38
CA LEU B 164 -6.93 -1.84 6.35
C LEU B 164 -8.06 -0.88 6.80
N GLU B 165 -8.82 -0.35 5.83
CA GLU B 165 -9.93 0.58 6.17
C GLU B 165 -11.02 -0.10 7.05
N ALA B 166 -11.40 -1.33 6.70
CA ALA B 166 -12.23 -2.21 7.61
C ALA B 166 -11.72 -2.41 9.06
N THR B 167 -10.43 -2.64 9.25
CA THR B 167 -9.90 -2.75 10.62
C THR B 167 -10.05 -1.42 11.39
N VAL B 168 -9.95 -0.30 10.68
CA VAL B 168 -10.09 1.03 11.32
C VAL B 168 -11.52 1.14 11.80
N HIS B 169 -12.47 0.91 10.91
CA HIS B 169 -13.84 0.93 11.37
C HIS B 169 -14.17 -0.12 12.47
N ALA B 170 -13.58 -1.32 12.40
CA ALA B 170 -13.76 -2.34 13.46
C ALA B 170 -13.33 -1.83 14.82
N THR B 171 -12.17 -1.20 14.86
CA THR B 171 -11.66 -0.62 16.06
C THR B 171 -12.60 0.46 16.61
N ARG B 172 -13.03 1.35 15.72
CA ARG B 172 -14.03 2.38 16.06
C ARG B 172 -15.30 1.73 16.59
N TYR B 173 -15.74 0.64 15.95
CA TYR B 173 -16.94 -0.04 16.37
C TYR B 173 -16.83 -0.62 17.78
N GLN B 174 -15.66 -1.17 18.09
CA GLN B 174 -15.35 -1.70 19.44
C GLN B 174 -15.53 -0.64 20.52
N TYR B 181 -20.76 1.59 11.57
CA TYR B 181 -19.43 1.09 11.24
C TYR B 181 -19.50 -0.29 10.62
N LEU B 182 -20.43 -1.12 11.12
CA LEU B 182 -20.66 -2.46 10.56
C LEU B 182 -21.07 -2.36 9.11
N GLU B 183 -21.99 -1.44 8.82
CA GLU B 183 -22.38 -1.07 7.45
C GLU B 183 -21.19 -0.68 6.56
N LEU B 184 -20.26 0.09 7.12
CA LEU B 184 -19.11 0.52 6.36
C LEU B 184 -18.20 -0.66 5.99
N ILE B 185 -17.99 -1.59 6.94
CA ILE B 185 -17.16 -2.76 6.78
C ILE B 185 -17.71 -3.64 5.67
N ARG B 186 -19.04 -3.77 5.65
CA ARG B 186 -19.71 -4.42 4.53
C ARG B 186 -19.33 -3.87 3.15
N HIS B 187 -19.17 -2.55 2.98
CA HIS B 187 -18.76 -2.02 1.66
C HIS B 187 -17.35 -2.42 1.27
N TYR B 188 -16.42 -2.38 2.23
CA TYR B 188 -15.01 -2.66 1.91
C TYR B 188 -14.81 -4.10 1.51
N GLU B 189 -15.74 -4.92 1.94
CA GLU B 189 -15.74 -6.33 1.61
C GLU B 189 -15.71 -6.56 0.11
N SER B 190 -16.46 -5.76 -0.66
CA SER B 190 -16.55 -5.98 -2.11
C SER B 190 -15.26 -5.59 -2.81
N LEU B 191 -14.54 -4.60 -2.28
CA LEU B 191 -13.27 -4.26 -2.86
C LEU B 191 -12.26 -5.33 -2.54
N ALA B 192 -12.28 -5.82 -1.31
CA ALA B 192 -11.37 -6.90 -0.90
C ALA B 192 -11.62 -8.16 -1.74
N SER B 193 -12.88 -8.43 -2.05
CA SER B 193 -13.21 -9.61 -2.86
C SER B 193 -12.84 -9.47 -4.31
N LYS B 194 -13.00 -8.25 -4.86
CA LYS B 194 -12.65 -7.97 -6.27
C LYS B 194 -11.12 -7.91 -6.48
N CYS B 195 -10.42 -7.18 -5.62
CA CYS B 195 -8.99 -6.86 -5.80
C CYS B 195 -8.03 -7.67 -4.97
N GLY B 196 -8.55 -8.27 -3.90
CA GLY B 196 -7.69 -8.96 -2.96
C GLY B 196 -7.24 -10.31 -3.50
N GLY B 197 -6.14 -10.81 -2.97
CA GLY B 197 -5.75 -12.22 -3.05
C GLY B 197 -6.42 -13.07 -1.96
N ASP B 198 -6.07 -14.35 -1.89
CA ASP B 198 -6.65 -15.21 -0.86
C ASP B 198 -6.46 -14.66 0.55
N ALA B 199 -5.29 -14.09 0.85
CA ALA B 199 -5.02 -13.58 2.20
C ALA B 199 -5.94 -12.42 2.57
N GLU B 200 -6.21 -11.51 1.62
CA GLU B 200 -7.11 -10.40 1.87
C GLU B 200 -8.52 -10.92 2.05
N LYS B 201 -8.92 -11.87 1.21
CA LYS B 201 -10.23 -12.49 1.37
C LYS B 201 -10.39 -13.20 2.71
N LYS B 202 -9.38 -13.92 3.16
CA LYS B 202 -9.44 -14.54 4.49
C LYS B 202 -9.49 -13.50 5.61
N ALA B 203 -8.74 -12.41 5.46
CA ALA B 203 -8.74 -11.37 6.48
C ALA B 203 -10.13 -10.77 6.65
N MET B 204 -10.80 -10.53 5.52
CA MET B 204 -12.11 -9.93 5.52
C MET B 204 -13.13 -10.88 6.15
N LYS B 205 -12.96 -12.18 5.90
CA LYS B 205 -13.76 -13.23 6.51
C LYS B 205 -13.60 -13.19 8.03
N LEU B 206 -12.34 -13.13 8.49
CA LEU B 206 -12.01 -12.99 9.92
C LEU B 206 -12.67 -11.80 10.60
N ILE B 207 -12.77 -10.67 9.91
CA ILE B 207 -13.46 -9.50 10.45
C ILE B 207 -14.95 -9.77 10.63
N TYR B 208 -15.57 -10.28 9.58
CA TYR B 208 -16.96 -10.76 9.62
C TYR B 208 -17.22 -11.72 10.81
N GLU B 209 -16.32 -12.68 11.01
CA GLU B 209 -16.46 -13.65 12.11
C GLU B 209 -16.31 -12.98 13.48
N ALA B 210 -15.28 -12.15 13.61
CA ALA B 210 -15.00 -11.43 14.85
C ALA B 210 -16.14 -10.53 15.28
N LEU B 211 -16.93 -10.03 14.34
CA LEU B 211 -18.08 -9.24 14.73
C LEU B 211 -19.43 -9.70 14.14
#